data_5FAA
#
_entry.id   5FAA
#
_cell.length_a   100.240
_cell.length_b   100.240
_cell.length_c   57.539
_cell.angle_alpha   90.00
_cell.angle_beta   90.00
_cell.angle_gamma   90.00
#
_symmetry.space_group_name_H-M   'I 4 2 2'
#
loop_
_entity.id
_entity.type
_entity.pdbx_description
1 polymer 'Cell surface protein SpaA'
2 non-polymer 1,2-ETHANEDIOL
3 water water
#
_entity_poly.entity_id   1
_entity_poly.type   'polypeptide(L)'
_entity_poly.pdbx_seq_one_letter_code
;MGRDPNSTNDTTTQNVVLTKYGFDKDVTAIDRATDQIWTGDGAKPLQGVDFTIYNVTANYWASPKDYKGSFDSAPVAATG
TTNDKGQLTQALPIQSKDASGKTRAAVYLFHETNPRAGYNTSADFWLTLPAKAAADGNVYVYPKNVQKTTYERTFVKKDA
ETKEVLEGAGFKISNSDGKFLKLTDKDGQSVSIGEGFIDVLANNYRLTWVAESDATVFTSDKSGKFGLNGFADNTTTYTA
VETNVPDGYDAAANTDFKADNSSSDILDAPSGILPLEHHHHHH
;
_entity_poly.pdbx_strand_id   A
#
loop_
_chem_comp.id
_chem_comp.type
_chem_comp.name
_chem_comp.formula
EDO non-polymer 1,2-ETHANEDIOL 'C2 H6 O2'
#
# COMPACT_ATOMS: atom_id res chain seq x y z
N THR A 149 14.50 7.92 -13.56
CA THR A 149 13.03 8.16 -13.36
C THR A 149 12.40 7.04 -12.55
N THR A 150 11.65 7.41 -11.50
CA THR A 150 10.91 6.46 -10.70
C THR A 150 9.42 6.84 -10.65
N TYR A 151 8.63 5.96 -10.04
CA TYR A 151 7.18 6.00 -10.15
C TYR A 151 6.53 5.81 -8.79
N GLU A 152 5.27 6.18 -8.72
CA GLU A 152 4.55 6.12 -7.48
C GLU A 152 3.14 5.66 -7.72
N ARG A 153 2.45 5.37 -6.62
CA ARG A 153 1.06 5.00 -6.69
C ARG A 153 0.37 5.43 -5.43
N THR A 154 -0.83 5.98 -5.61
CA THR A 154 -1.65 6.43 -4.51
C THR A 154 -3.01 5.74 -4.60
N PHE A 155 -3.58 5.45 -3.43
CA PHE A 155 -4.92 4.92 -3.31
C PHE A 155 -5.68 5.73 -2.30
N VAL A 156 -7.01 5.77 -2.47
CA VAL A 156 -7.90 6.35 -1.49
C VAL A 156 -8.95 5.33 -1.10
N LYS A 157 -9.00 5.02 0.19
CA LYS A 157 -9.94 4.04 0.71
C LYS A 157 -11.26 4.70 0.98
N LYS A 158 -12.33 4.11 0.45
CA LYS A 158 -13.67 4.64 0.60
C LYS A 158 -14.73 3.57 0.85
N ASP A 159 -15.79 3.98 1.54
CA ASP A 159 -17.00 3.20 1.70
C ASP A 159 -17.63 3.02 0.30
N ALA A 160 -17.88 1.77 -0.09
CA ALA A 160 -18.37 1.48 -1.44
C ALA A 160 -19.71 2.15 -1.77
N GLU A 161 -20.54 2.34 -0.75
CA GLU A 161 -21.87 2.89 -0.94
C GLU A 161 -21.88 4.41 -0.86
N THR A 162 -21.27 4.97 0.18
CA THR A 162 -21.35 6.41 0.45
C THR A 162 -20.13 7.20 -0.04
N LYS A 163 -19.06 6.47 -0.31
CA LYS A 163 -17.77 7.01 -0.69
C LYS A 163 -17.07 7.79 0.45
N GLU A 164 -17.60 7.68 1.68
CA GLU A 164 -16.89 8.20 2.85
C GLU A 164 -15.45 7.69 2.83
N VAL A 165 -14.51 8.58 3.08
CA VAL A 165 -13.10 8.18 3.17
C VAL A 165 -12.85 7.45 4.49
N LEU A 166 -12.07 6.38 4.42
CA LEU A 166 -11.84 5.52 5.57
C LEU A 166 -10.40 5.54 6.03
N GLU A 167 -10.23 5.80 7.33
CA GLU A 167 -8.93 5.81 7.97
C GLU A 167 -8.64 4.47 8.61
N GLY A 168 -7.37 4.09 8.58
CA GLY A 168 -6.92 2.91 9.32
C GLY A 168 -7.05 1.59 8.56
N ALA A 169 -7.35 1.66 7.26
CA ALA A 169 -7.37 0.45 6.44
C ALA A 169 -5.94 0.12 6.04
N GLY A 170 -5.51 -1.07 6.42
CA GLY A 170 -4.14 -1.52 6.23
C GLY A 170 -4.02 -2.52 5.10
N PHE A 171 -2.95 -2.34 4.31
CA PHE A 171 -2.70 -3.13 3.11
C PHE A 171 -1.28 -3.62 3.09
N LYS A 172 -1.11 -4.82 2.52
CA LYS A 172 0.20 -5.30 2.12
C LYS A 172 0.20 -5.37 0.60
N ILE A 173 1.38 -5.21 0.01
CA ILE A 173 1.50 -5.20 -1.45
C ILE A 173 2.28 -6.44 -1.89
N SER A 174 1.69 -7.23 -2.77
N SER A 174 1.68 -7.19 -2.80
CA SER A 174 2.36 -8.39 -3.29
CA SER A 174 2.27 -8.41 -3.34
C SER A 174 2.80 -8.21 -4.73
C SER A 174 2.79 -8.20 -4.75
N ASN A 175 3.81 -8.97 -5.10
CA ASN A 175 4.34 -9.01 -6.46
C ASN A 175 3.94 -10.34 -7.13
N SER A 176 4.32 -10.49 -8.38
CA SER A 176 3.94 -11.67 -9.15
C SER A 176 4.51 -12.96 -8.55
N ASP A 177 5.64 -12.83 -7.84
CA ASP A 177 6.30 -13.99 -7.20
C ASP A 177 5.61 -14.40 -5.90
N GLY A 178 4.54 -13.70 -5.53
CA GLY A 178 3.85 -14.00 -4.28
C GLY A 178 4.56 -13.55 -3.01
N LYS A 179 5.51 -12.64 -3.15
N LYS A 179 5.52 -12.65 -3.17
CA LYS A 179 6.19 -12.04 -2.01
CA LYS A 179 6.26 -12.03 -2.07
C LYS A 179 5.60 -10.66 -1.79
C LYS A 179 5.57 -10.70 -1.78
N PHE A 180 5.84 -10.11 -0.60
CA PHE A 180 5.19 -8.89 -0.17
C PHE A 180 6.20 -7.82 0.18
N LEU A 181 5.79 -6.57 0.01
CA LEU A 181 6.71 -5.45 0.13
C LEU A 181 7.08 -5.19 1.60
N LYS A 182 8.39 -5.12 1.86
CA LYS A 182 8.93 -4.67 3.14
C LYS A 182 9.88 -3.52 2.86
N LEU A 183 9.61 -2.37 3.45
CA LEU A 183 10.52 -1.24 3.36
C LEU A 183 11.66 -1.41 4.37
N THR A 184 12.87 -1.05 3.94
CA THR A 184 14.02 -0.99 4.84
C THR A 184 14.69 0.37 4.68
N ASP A 185 15.54 0.72 5.63
CA ASP A 185 16.41 1.87 5.40
C ASP A 185 17.57 1.43 4.48
N LYS A 186 18.43 2.38 4.14
CA LYS A 186 19.56 2.12 3.24
C LYS A 186 20.48 0.96 3.69
N ASP A 187 20.54 0.73 5.00
CA ASP A 187 21.42 -0.27 5.61
C ASP A 187 20.70 -1.58 5.96
N GLY A 188 19.47 -1.72 5.47
CA GLY A 188 18.73 -2.97 5.62
C GLY A 188 17.91 -3.06 6.89
N GLN A 189 17.90 -2.01 7.70
CA GLN A 189 17.17 -2.09 8.96
C GLN A 189 15.69 -1.77 8.75
N SER A 190 14.85 -2.41 9.57
CA SER A 190 13.43 -2.15 9.59
C SER A 190 13.14 -0.69 9.92
N VAL A 191 12.00 -0.23 9.42
CA VAL A 191 11.57 1.15 9.65
C VAL A 191 10.13 1.14 10.14
N SER A 192 9.76 2.21 10.84
CA SER A 192 8.42 2.38 11.33
C SER A 192 7.78 3.40 10.41
N ILE A 193 6.60 3.10 9.92
CA ILE A 193 5.84 4.10 9.18
C ILE A 193 4.50 4.33 9.82
N GLY A 194 3.94 5.49 9.54
CA GLY A 194 2.61 5.83 9.99
C GLY A 194 1.61 5.63 8.87
N GLU A 195 0.43 6.21 9.04
CA GLU A 195 -0.57 6.22 8.03
C GLU A 195 -0.18 7.17 6.91
N GLY A 196 -0.73 6.91 5.74
CA GLY A 196 -0.62 7.79 4.60
C GLY A 196 0.39 7.38 3.56
N PHE A 197 0.72 8.34 2.72
CA PHE A 197 1.65 8.14 1.63
C PHE A 197 3.07 8.15 2.18
N ILE A 198 3.87 7.17 1.76
CA ILE A 198 5.22 7.01 2.26
C ILE A 198 6.22 7.50 1.21
N ASP A 199 6.99 8.51 1.59
CA ASP A 199 8.02 9.08 0.70
C ASP A 199 9.33 8.30 0.87
N VAL A 200 9.33 7.14 0.21
CA VAL A 200 10.49 6.26 0.14
C VAL A 200 11.72 7.01 -0.40
N LEU A 201 11.53 7.77 -1.48
CA LEU A 201 12.62 8.53 -2.09
C LEU A 201 13.28 9.50 -1.13
N ALA A 202 12.47 10.34 -0.49
CA ALA A 202 12.98 11.37 0.42
C ALA A 202 13.69 10.77 1.64
N ASN A 203 13.25 9.57 2.03
CA ASN A 203 13.84 8.86 3.15
C ASN A 203 14.97 7.90 2.80
N ASN A 204 15.28 7.79 1.51
N ASN A 204 15.29 7.79 1.52
CA ASN A 204 16.27 6.85 1.01
CA ASN A 204 16.29 6.84 1.05
C ASN A 204 15.99 5.44 1.50
C ASN A 204 15.99 5.42 1.49
N TYR A 205 14.71 5.06 1.52
CA TYR A 205 14.31 3.70 1.85
C TYR A 205 14.53 2.78 0.65
N ARG A 206 14.47 1.48 0.93
CA ARG A 206 14.62 0.45 -0.10
C ARG A 206 13.40 -0.45 -0.07
N LEU A 207 12.99 -0.90 -1.25
CA LEU A 207 11.91 -1.88 -1.40
C LEU A 207 12.52 -3.28 -1.41
N THR A 208 11.99 -4.16 -0.56
CA THR A 208 12.41 -5.56 -0.54
C THR A 208 11.17 -6.41 -0.50
N TRP A 209 11.32 -7.70 -0.81
CA TRP A 209 10.18 -8.60 -1.00
C TRP A 209 10.35 -9.80 -0.09
N VAL A 210 9.35 -10.00 0.76
CA VAL A 210 9.42 -10.93 1.87
C VAL A 210 8.14 -11.75 2.03
N ALA A 211 8.15 -12.70 2.97
CA ALA A 211 6.92 -13.44 3.29
C ALA A 211 5.86 -12.47 3.81
N GLU A 212 4.59 -12.79 3.59
CA GLU A 212 3.49 -11.91 3.99
C GLU A 212 3.57 -11.48 5.44
N SER A 213 3.93 -12.42 6.33
CA SER A 213 3.99 -12.13 7.76
C SER A 213 5.04 -11.07 8.16
N ASP A 214 6.02 -10.85 7.30
N ASP A 214 6.03 -10.86 7.31
CA ASP A 214 7.11 -9.92 7.55
CA ASP A 214 7.10 -9.88 7.58
C ASP A 214 6.94 -8.59 6.80
C ASP A 214 6.94 -8.58 6.80
N ALA A 215 5.84 -8.45 6.06
CA ALA A 215 5.69 -7.30 5.17
C ALA A 215 5.27 -6.03 5.89
N THR A 216 5.55 -4.90 5.24
CA THR A 216 5.11 -3.61 5.70
C THR A 216 3.63 -3.43 5.46
N VAL A 217 2.93 -2.93 6.46
CA VAL A 217 1.53 -2.56 6.33
C VAL A 217 1.44 -1.06 6.03
N PHE A 218 0.80 -0.75 4.92
CA PHE A 218 0.53 0.62 4.51
C PHE A 218 -0.92 0.93 4.88
N THR A 219 -1.16 2.10 5.47
CA THR A 219 -2.45 2.35 6.10
C THR A 219 -3.05 3.67 5.66
N SER A 220 -4.35 3.64 5.36
CA SER A 220 -5.02 4.85 4.94
C SER A 220 -5.03 5.90 6.08
N ASP A 221 -4.82 7.16 5.70
CA ASP A 221 -4.81 8.25 6.68
C ASP A 221 -6.21 8.82 6.85
N LYS A 222 -6.31 9.96 7.53
CA LYS A 222 -7.62 10.52 7.82
C LYS A 222 -8.42 10.90 6.56
N SER A 223 -7.71 11.19 5.46
CA SER A 223 -8.32 11.49 4.16
C SER A 223 -8.53 10.26 3.28
N GLY A 224 -8.23 9.09 3.85
CA GLY A 224 -8.32 7.82 3.14
C GLY A 224 -7.10 7.46 2.31
N LYS A 225 -6.09 8.32 2.31
CA LYS A 225 -4.98 8.19 1.36
C LYS A 225 -3.87 7.30 1.89
N PHE A 226 -3.29 6.52 0.99
CA PHE A 226 -2.03 5.85 1.25
C PHE A 226 -1.37 5.58 -0.08
N GLY A 227 -0.15 5.08 0.00
CA GLY A 227 0.64 4.80 -1.18
C GLY A 227 2.10 5.02 -0.90
N LEU A 228 2.88 5.02 -1.97
CA LEU A 228 4.33 5.22 -1.86
C LEU A 228 4.92 5.56 -3.20
N ASN A 229 6.12 6.11 -3.14
CA ASN A 229 6.94 6.26 -4.33
C ASN A 229 8.16 5.34 -4.27
N GLY A 230 9.07 5.46 -5.21
CA GLY A 230 10.29 4.66 -5.19
C GLY A 230 10.23 3.38 -6.03
N PHE A 231 9.13 3.18 -6.74
CA PHE A 231 8.99 2.08 -7.66
C PHE A 231 9.89 2.31 -8.86
N ALA A 232 10.43 1.23 -9.41
CA ALA A 232 11.45 1.30 -10.46
C ALA A 232 10.89 1.42 -11.87
N ASP A 233 9.65 1.01 -12.06
CA ASP A 233 9.03 1.02 -13.38
C ASP A 233 7.51 1.24 -13.30
N ASN A 234 6.91 1.53 -14.44
CA ASN A 234 5.46 1.67 -14.53
C ASN A 234 4.78 0.52 -15.28
N THR A 235 5.49 -0.60 -15.43
CA THR A 235 5.06 -1.72 -16.26
C THR A 235 4.74 -2.99 -15.46
N THR A 236 5.28 -3.07 -14.25
CA THR A 236 5.13 -4.23 -13.37
C THR A 236 3.77 -4.20 -12.66
N THR A 237 3.10 -5.34 -12.58
CA THR A 237 1.82 -5.45 -11.88
C THR A 237 2.03 -5.93 -10.45
N TYR A 238 1.42 -5.18 -9.52
CA TYR A 238 1.42 -5.49 -8.09
C TYR A 238 -0.03 -5.67 -7.65
N THR A 239 -0.21 -6.16 -6.45
CA THR A 239 -1.54 -6.35 -5.89
C THR A 239 -1.59 -5.81 -4.47
N ALA A 240 -2.54 -4.89 -4.23
CA ALA A 240 -2.83 -4.38 -2.89
C ALA A 240 -3.84 -5.27 -2.20
N VAL A 241 -3.42 -5.83 -1.06
CA VAL A 241 -4.19 -6.81 -0.30
C VAL A 241 -4.57 -6.19 1.05
N GLU A 242 -5.87 -6.04 1.29
CA GLU A 242 -6.31 -5.45 2.54
C GLU A 242 -6.19 -6.46 3.68
N THR A 243 -5.41 -6.11 4.68
CA THR A 243 -5.11 -6.97 5.83
C THR A 243 -5.70 -6.47 7.14
N ASN A 244 -5.96 -5.17 7.23
CA ASN A 244 -6.50 -4.56 8.44
C ASN A 244 -7.73 -3.76 8.00
N VAL A 245 -8.91 -4.22 8.39
CA VAL A 245 -10.15 -3.69 7.87
C VAL A 245 -10.80 -2.79 8.92
N PRO A 246 -11.22 -1.58 8.53
CA PRO A 246 -11.93 -0.73 9.49
C PRO A 246 -13.25 -1.32 9.97
N ASP A 247 -13.63 -0.97 11.19
CA ASP A 247 -14.87 -1.46 11.76
C ASP A 247 -16.06 -1.08 10.91
N GLY A 248 -16.94 -2.04 10.69
CA GLY A 248 -18.18 -1.80 9.96
C GLY A 248 -18.07 -2.16 8.48
N TYR A 249 -16.91 -2.66 8.07
CA TYR A 249 -16.63 -2.95 6.68
C TYR A 249 -16.18 -4.39 6.44
N ASP A 250 -16.47 -4.84 5.22
CA ASP A 250 -15.88 -6.04 4.66
C ASP A 250 -14.72 -5.60 3.79
N ALA A 251 -13.65 -6.37 3.79
CA ALA A 251 -12.47 -6.04 3.00
C ALA A 251 -12.82 -5.87 1.53
N ALA A 252 -12.16 -4.90 0.91
CA ALA A 252 -12.15 -4.76 -0.54
C ALA A 252 -11.56 -6.02 -1.16
N ALA A 253 -12.02 -6.34 -2.36
CA ALA A 253 -11.30 -7.30 -3.18
C ALA A 253 -9.88 -6.76 -3.39
N ASN A 254 -8.93 -7.66 -3.58
CA ASN A 254 -7.58 -7.27 -3.93
C ASN A 254 -7.56 -6.41 -5.18
N THR A 255 -6.62 -5.47 -5.22
CA THR A 255 -6.52 -4.50 -6.30
C THR A 255 -5.18 -4.64 -7.04
N ASP A 256 -5.23 -5.06 -8.29
CA ASP A 256 -4.03 -5.06 -9.13
C ASP A 256 -3.77 -3.61 -9.56
N PHE A 257 -2.50 -3.26 -9.62
CA PHE A 257 -2.08 -1.95 -10.04
C PHE A 257 -0.69 -1.95 -10.63
N LYS A 258 -0.39 -0.86 -11.33
CA LYS A 258 0.96 -0.52 -11.75
C LYS A 258 1.33 0.79 -11.09
N ALA A 259 2.63 1.01 -10.93
CA ALA A 259 3.14 2.28 -10.41
C ALA A 259 3.15 3.28 -11.55
N ASP A 260 1.98 3.85 -11.83
CA ASP A 260 1.78 4.70 -13.02
C ASP A 260 1.48 6.16 -12.64
N ASN A 261 1.85 6.54 -11.42
CA ASN A 261 1.66 7.89 -10.87
C ASN A 261 0.21 8.32 -10.74
N SER A 262 -0.70 7.34 -10.75
CA SER A 262 -2.12 7.65 -10.64
C SER A 262 -2.59 7.50 -9.21
N SER A 263 -3.82 7.95 -8.98
CA SER A 263 -4.55 7.69 -7.77
C SER A 263 -5.83 7.00 -8.16
N SER A 264 -6.21 5.99 -7.39
CA SER A 264 -7.49 5.33 -7.59
C SER A 264 -8.10 4.95 -6.27
N ASP A 265 -9.40 4.68 -6.30
CA ASP A 265 -10.16 4.39 -5.11
C ASP A 265 -10.19 2.88 -4.86
N ILE A 266 -10.09 2.51 -3.59
CA ILE A 266 -10.32 1.13 -3.17
C ILE A 266 -11.56 1.15 -2.27
N LEU A 267 -12.56 0.37 -2.66
CA LEU A 267 -13.88 0.40 -2.03
C LEU A 267 -14.08 -0.73 -1.04
N ASP A 268 -14.38 -0.38 0.21
CA ASP A 268 -14.75 -1.35 1.24
C ASP A 268 -16.26 -1.39 1.33
N ALA A 269 -16.86 -2.59 1.24
CA ALA A 269 -18.32 -2.69 1.36
C ALA A 269 -18.74 -2.55 2.82
N PRO A 270 -19.71 -1.67 3.10
CA PRO A 270 -20.19 -1.67 4.48
C PRO A 270 -20.89 -2.98 4.82
N SER A 271 -20.60 -3.51 6.01
CA SER A 271 -21.08 -4.84 6.42
C SER A 271 -22.59 -4.87 6.59
C1 EDO B . -2.72 -11.96 -3.68
O1 EDO B . -1.40 -11.88 -3.14
C2 EDO B . -2.66 -12.09 -5.20
O2 EDO B . -2.21 -13.41 -5.55
#